data_9JM5
#
_entry.id   9JM5
#
_cell.length_a   85.775
_cell.length_b   85.775
_cell.length_c   79.241
_cell.angle_alpha   90.00
_cell.angle_beta   90.00
_cell.angle_gamma   90.00
#
_symmetry.space_group_name_H-M   'P 42 21 2'
#
loop_
_entity.id
_entity.type
_entity.pdbx_description
1 polymer LRO-C4-13
2 water water
#
_entity_poly.entity_id   1
_entity_poly.type   'polypeptide(L)'
_entity_poly.pdbx_seq_one_letter_code
;MGGLDTVYEIAAKRLAELGDEESLAELEEYYKT(OZW)KKKLKEGTISETTAANSLAIMATRLLERAREKAHHHHHH
;
_entity_poly.pdbx_strand_id   B,A,C,D
#
# COMPACT_ATOMS: atom_id res chain seq x y z
N GLY A 2 -6.54 -14.69 12.18
CA GLY A 2 -5.18 -14.74 11.69
C GLY A 2 -4.60 -13.40 11.28
N GLY A 3 -4.15 -13.32 10.03
CA GLY A 3 -3.41 -12.15 9.58
C GLY A 3 -4.26 -10.90 9.50
N LEU A 4 -5.45 -11.00 8.90
CA LEU A 4 -6.34 -9.85 8.80
C LEU A 4 -6.70 -9.31 10.17
N ASP A 5 -7.05 -10.22 11.10
CA ASP A 5 -7.36 -9.81 12.46
C ASP A 5 -6.15 -9.16 13.14
N THR A 6 -4.96 -9.68 12.88
CA THR A 6 -3.76 -9.13 13.51
C THR A 6 -3.47 -7.72 13.01
N VAL A 7 -3.52 -7.53 11.69
CA VAL A 7 -3.32 -6.19 11.12
C VAL A 7 -4.36 -5.23 11.70
N TYR A 8 -5.62 -5.67 11.71
CA TYR A 8 -6.72 -4.86 12.21
C TYR A 8 -6.50 -4.47 13.68
N GLU A 9 -6.09 -5.44 14.50
CA GLU A 9 -5.90 -5.18 15.93
C GLU A 9 -4.75 -4.22 16.18
N ILE A 10 -3.63 -4.41 15.48
CA ILE A 10 -2.50 -3.51 15.64
C ILE A 10 -2.90 -2.09 15.28
N ALA A 11 -3.55 -1.94 14.11
CA ALA A 11 -3.97 -0.61 13.67
C ALA A 11 -4.98 0.01 14.62
N ALA A 12 -5.94 -0.79 15.11
CA ALA A 12 -6.96 -0.25 16.00
C ALA A 12 -6.37 0.17 17.34
N LYS A 13 -5.45 -0.63 17.88
CA LYS A 13 -4.76 -0.24 19.11
C LYS A 13 -4.04 1.09 18.92
N ARG A 14 -3.33 1.25 17.79
CA ARG A 14 -2.61 2.49 17.57
C ARG A 14 -3.57 3.67 17.38
N LEU A 15 -4.62 3.48 16.58
CA LEU A 15 -5.58 4.56 16.35
C LEU A 15 -6.26 4.99 17.63
N ALA A 16 -6.56 4.04 18.52
CA ALA A 16 -7.13 4.38 19.81
C ALA A 16 -6.12 5.14 20.67
N GLU A 17 -4.86 4.69 20.68
CA GLU A 17 -3.82 5.42 21.42
C GLU A 17 -3.70 6.85 20.93
N LEU A 18 -3.81 7.07 19.62
CA LEU A 18 -3.66 8.39 19.04
C LEU A 18 -4.91 9.25 19.17
N GLY A 19 -6.03 8.67 19.61
CA GLY A 19 -7.23 9.46 19.82
C GLY A 19 -7.95 9.89 18.57
N ASP A 20 -8.04 9.03 17.56
CA ASP A 20 -8.67 9.35 16.29
C ASP A 20 -9.91 8.47 16.15
N GLU A 21 -11.05 8.96 16.66
CA GLU A 21 -12.28 8.18 16.62
C GLU A 21 -12.72 7.93 15.19
N GLU A 22 -12.60 8.94 14.32
CA GLU A 22 -13.08 8.81 12.95
C GLU A 22 -12.26 7.78 12.18
N SER A 23 -10.94 7.79 12.35
CA SER A 23 -10.11 6.79 11.71
C SER A 23 -10.38 5.40 12.27
N LEU A 24 -10.65 5.32 13.59
CA LEU A 24 -10.97 4.03 14.18
C LEU A 24 -12.24 3.46 13.57
N ALA A 25 -13.27 4.30 13.40
CA ALA A 25 -14.53 3.84 12.81
C ALA A 25 -14.35 3.46 11.35
N GLU A 26 -13.58 4.25 10.58
CA GLU A 26 -13.29 3.91 9.19
C GLU A 26 -12.60 2.55 9.10
N LEU A 27 -11.58 2.34 9.94
CA LEU A 27 -10.87 1.07 9.96
C LEU A 27 -11.81 -0.08 10.28
N GLU A 28 -12.69 0.11 11.25
CA GLU A 28 -13.64 -0.94 11.61
C GLU A 28 -14.56 -1.26 10.44
N GLU A 29 -15.02 -0.23 9.72
CA GLU A 29 -15.85 -0.44 8.54
C GLU A 29 -15.11 -1.28 7.49
N TYR A 30 -13.86 -0.91 7.20
CA TYR A 30 -13.09 -1.66 6.22
C TYR A 30 -12.90 -3.11 6.64
N TYR A 31 -12.58 -3.33 7.93
CA TYR A 31 -12.38 -4.68 8.43
C TYR A 31 -13.66 -5.51 8.32
N LYS A 32 -14.79 -4.94 8.70
CA LYS A 32 -16.06 -5.67 8.60
C LYS A 32 -16.37 -6.01 7.15
N THR A 33 -16.14 -5.08 6.24
CA THR A 33 -16.35 -5.34 4.82
C THR A 33 -15.48 -6.49 4.34
N LYS A 35 -14.20 -8.91 6.15
CA LYS A 35 -14.61 -10.15 6.78
C LYS A 35 -15.83 -10.73 6.06
N LYS A 36 -16.74 -9.85 5.67
CA LYS A 36 -17.91 -10.29 4.90
C LYS A 36 -17.50 -10.81 3.53
N LYS A 37 -16.64 -10.06 2.84
CA LYS A 37 -16.18 -10.47 1.51
C LYS A 37 -15.42 -11.79 1.55
N LEU A 38 -14.63 -12.02 2.60
CA LEU A 38 -13.91 -13.28 2.70
C LEU A 38 -14.85 -14.43 3.01
N LYS A 39 -15.87 -14.18 3.84
CA LYS A 39 -16.93 -15.17 4.01
C LYS A 39 -17.56 -15.52 2.66
N GLU A 40 -17.81 -14.50 1.84
CA GLU A 40 -18.46 -14.71 0.55
C GLU A 40 -17.50 -15.24 -0.52
N GLY A 41 -16.21 -15.33 -0.22
CA GLY A 41 -15.25 -15.86 -1.17
C GLY A 41 -14.97 -15.00 -2.37
N THR A 42 -15.30 -13.70 -2.31
CA THR A 42 -15.08 -12.77 -3.41
C THR A 42 -13.76 -12.02 -3.28
N ILE A 43 -12.92 -12.35 -2.31
CA ILE A 43 -11.62 -11.70 -2.14
C ILE A 43 -10.67 -12.73 -1.54
N SER A 44 -9.41 -12.66 -1.96
CA SER A 44 -8.41 -13.56 -1.38
C SER A 44 -7.97 -13.05 -0.03
N GLU A 45 -7.50 -13.98 0.81
CA GLU A 45 -7.02 -13.60 2.13
C GLU A 45 -5.84 -12.65 2.04
N THR A 46 -4.94 -12.91 1.09
CA THR A 46 -3.79 -12.03 0.90
C THR A 46 -4.24 -10.62 0.53
N THR A 47 -5.19 -10.51 -0.39
CA THR A 47 -5.66 -9.19 -0.79
C THR A 47 -6.35 -8.48 0.37
N ALA A 48 -7.16 -9.20 1.14
CA ALA A 48 -7.84 -8.57 2.27
C ALA A 48 -6.85 -8.02 3.29
N ALA A 49 -5.89 -8.85 3.71
CA ALA A 49 -4.90 -8.40 4.68
C ALA A 49 -4.03 -7.26 4.13
N ASN A 50 -3.58 -7.42 2.87
CA ASN A 50 -2.75 -6.41 2.24
C ASN A 50 -3.48 -5.07 2.15
N SER A 51 -4.72 -5.09 1.65
CA SER A 51 -5.47 -3.86 1.46
C SER A 51 -5.80 -3.20 2.79
N LEU A 52 -6.17 -4.00 3.80
CA LEU A 52 -6.39 -3.42 5.12
C LEU A 52 -5.12 -2.77 5.64
N ALA A 53 -3.96 -3.36 5.35
CA ALA A 53 -2.71 -2.73 5.77
C ALA A 53 -2.48 -1.42 5.02
N ILE A 54 -2.85 -1.36 3.74
CA ILE A 54 -2.69 -0.14 2.95
C ILE A 54 -3.53 0.98 3.57
N MET A 55 -4.82 0.70 3.75
CA MET A 55 -5.74 1.68 4.31
C MET A 55 -5.37 2.04 5.74
N ALA A 56 -4.94 1.05 6.54
CA ALA A 56 -4.60 1.31 7.92
C ALA A 56 -3.36 2.20 8.04
N THR A 57 -2.38 2.02 7.16
CA THR A 57 -1.23 2.92 7.20
C THR A 57 -1.65 4.34 6.85
N ARG A 58 -2.54 4.50 5.85
CA ARG A 58 -3.02 5.85 5.54
C ARG A 58 -3.81 6.45 6.70
N LEU A 59 -4.63 5.63 7.35
CA LEU A 59 -5.40 6.09 8.51
C LEU A 59 -4.48 6.48 9.66
N LEU A 60 -3.40 5.74 9.85
CA LEU A 60 -2.45 6.07 10.92
C LEU A 60 -1.73 7.37 10.64
N GLU A 61 -1.38 7.60 9.37
CA GLU A 61 -0.81 8.89 8.98
C GLU A 61 -1.78 10.02 9.31
N ARG A 62 -3.06 9.84 8.97
CA ARG A 62 -4.05 10.87 9.30
C ARG A 62 -4.17 11.05 10.81
N ALA A 63 -4.12 9.96 11.58
CA ALA A 63 -4.22 10.06 13.03
C ALA A 63 -3.04 10.81 13.65
N ARG A 64 -1.82 10.54 13.19
CA ARG A 64 -0.65 11.23 13.73
C ARG A 64 -0.66 12.70 13.30
N GLU A 65 -1.29 13.01 12.18
CA GLU A 65 -1.35 14.38 11.75
C GLU A 65 -2.36 15.14 12.58
N LYS A 66 -3.50 14.55 12.84
CA LYS A 66 -4.47 15.18 13.69
C LYS A 66 -3.94 15.32 15.13
N ALA A 67 -3.31 14.28 15.67
CA ALA A 67 -2.73 14.37 17.00
C ALA A 67 -1.60 15.39 17.05
N GLY B 2 -12.91 -12.79 -7.92
CA GLY B 2 -13.53 -11.49 -7.92
C GLY B 2 -12.90 -10.50 -6.96
N GLY B 3 -11.65 -10.75 -6.58
CA GLY B 3 -10.96 -9.85 -5.68
C GLY B 3 -10.78 -8.46 -6.27
N LEU B 4 -10.34 -8.39 -7.52
CA LEU B 4 -10.18 -7.10 -8.19
C LEU B 4 -11.50 -6.36 -8.24
N ASP B 5 -12.57 -7.06 -8.59
CA ASP B 5 -13.89 -6.45 -8.62
C ASP B 5 -14.31 -5.96 -7.24
N THR B 6 -13.97 -6.72 -6.19
CA THR B 6 -14.36 -6.34 -4.84
C THR B 6 -13.65 -5.07 -4.38
N VAL B 7 -12.33 -5.02 -4.59
CA VAL B 7 -11.57 -3.81 -4.27
C VAL B 7 -12.12 -2.62 -5.05
N TYR B 8 -12.37 -2.84 -6.35
CA TYR B 8 -12.91 -1.79 -7.20
C TYR B 8 -14.24 -1.27 -6.66
N GLU B 9 -15.11 -2.19 -6.22
CA GLU B 9 -16.42 -1.80 -5.71
C GLU B 9 -16.29 -0.98 -4.43
N ILE B 10 -15.43 -1.41 -3.51
CA ILE B 10 -15.25 -0.67 -2.26
C ILE B 10 -14.77 0.75 -2.56
N ALA B 11 -13.74 0.86 -3.40
CA ALA B 11 -13.18 2.17 -3.72
C ALA B 11 -14.19 3.04 -4.45
N ALA B 12 -14.93 2.48 -5.40
CA ALA B 12 -15.88 3.27 -6.17
C ALA B 12 -17.02 3.76 -5.30
N LYS B 13 -17.52 2.90 -4.42
CA LYS B 13 -18.57 3.31 -3.49
C LYS B 13 -18.10 4.49 -2.65
N ARG B 14 -16.89 4.41 -2.10
CA ARG B 14 -16.43 5.49 -1.23
C ARG B 14 -16.14 6.77 -2.02
N LEU B 15 -15.57 6.66 -3.22
CA LEU B 15 -15.32 7.84 -4.04
C LEU B 15 -16.62 8.52 -4.45
N ALA B 16 -17.65 7.73 -4.76
CA ALA B 16 -18.95 8.30 -5.07
C ALA B 16 -19.54 8.97 -3.83
N GLU B 17 -19.38 8.36 -2.67
CA GLU B 17 -19.82 8.98 -1.42
C GLU B 17 -19.17 10.35 -1.24
N LEU B 18 -17.89 10.45 -1.60
CA LEU B 18 -17.16 11.70 -1.44
C LEU B 18 -17.45 12.71 -2.55
N GLY B 19 -18.16 12.30 -3.59
CA GLY B 19 -18.53 13.20 -4.67
C GLY B 19 -17.40 13.59 -5.60
N ASP B 20 -16.51 12.64 -5.93
CA ASP B 20 -15.34 12.89 -6.77
C ASP B 20 -15.47 12.07 -8.06
N GLU B 21 -16.13 12.65 -9.07
CA GLU B 21 -16.35 11.93 -10.33
C GLU B 21 -15.03 11.65 -11.06
N GLU B 22 -14.10 12.62 -11.04
CA GLU B 22 -12.86 12.45 -11.79
C GLU B 22 -12.01 11.33 -11.19
N SER B 23 -11.98 11.22 -9.85
CA SER B 23 -11.30 10.09 -9.24
C SER B 23 -11.99 8.78 -9.59
N LEU B 24 -13.33 8.81 -9.70
CA LEU B 24 -14.05 7.62 -10.12
C LEU B 24 -13.61 7.17 -11.52
N ALA B 25 -13.43 8.14 -12.42
CA ALA B 25 -12.98 7.84 -13.78
C ALA B 25 -11.54 7.34 -13.79
N GLU B 26 -10.67 7.96 -13.00
CA GLU B 26 -9.32 7.46 -12.88
C GLU B 26 -9.32 6.00 -12.41
N LEU B 27 -10.10 5.71 -11.36
CA LEU B 27 -10.17 4.35 -10.81
C LEU B 27 -10.64 3.32 -11.82
N GLU B 28 -11.67 3.67 -12.57
CA GLU B 28 -12.16 2.79 -13.60
C GLU B 28 -11.12 2.57 -14.69
N GLU B 29 -10.39 3.63 -15.03
CA GLU B 29 -9.37 3.44 -16.04
C GLU B 29 -8.36 2.41 -15.56
N TYR B 30 -7.91 2.54 -14.31
CA TYR B 30 -6.98 1.55 -13.77
C TYR B 30 -7.61 0.15 -13.71
N TYR B 31 -8.89 0.07 -13.33
CA TYR B 31 -9.58 -1.22 -13.23
C TYR B 31 -9.62 -1.93 -14.59
N LYS B 32 -9.96 -1.18 -15.64
CA LYS B 32 -10.01 -1.74 -16.99
C LYS B 32 -8.63 -2.24 -17.41
N THR B 33 -7.59 -1.44 -17.15
CA THR B 33 -6.23 -1.86 -17.46
C THR B 33 -5.84 -3.14 -16.70
N LYS B 35 -7.76 -5.58 -15.69
CA LYS B 35 -8.51 -6.69 -16.28
C LYS B 35 -7.92 -7.14 -17.59
N LYS B 36 -7.51 -6.19 -18.42
CA LYS B 36 -6.85 -6.54 -19.66
C LYS B 36 -5.55 -7.26 -19.38
N LYS B 37 -4.86 -6.85 -18.33
CA LYS B 37 -3.62 -7.49 -17.98
C LYS B 37 -3.80 -8.89 -17.42
N LEU B 38 -4.85 -9.11 -16.64
CA LEU B 38 -5.10 -10.39 -16.02
C LEU B 38 -5.53 -11.28 -17.14
N LYS B 39 -6.21 -10.67 -18.07
CA LYS B 39 -6.74 -11.38 -19.22
C LYS B 39 -5.58 -11.89 -20.07
N GLU B 40 -4.55 -11.06 -20.23
CA GLU B 40 -3.37 -11.49 -20.96
C GLU B 40 -2.46 -12.40 -20.13
N GLY B 41 -2.78 -12.62 -18.86
CA GLY B 41 -1.99 -13.49 -18.01
C GLY B 41 -0.65 -12.94 -17.56
N THR B 42 -0.45 -11.62 -17.61
CA THR B 42 0.79 -11.02 -17.16
C THR B 42 0.75 -10.55 -15.72
N ILE B 43 -0.36 -10.77 -15.01
CA ILE B 43 -0.48 -10.38 -13.61
C ILE B 43 -1.49 -11.32 -12.96
N SER B 44 -1.36 -11.51 -11.66
CA SER B 44 -2.28 -12.38 -10.93
C SER B 44 -3.43 -11.55 -10.36
N GLU B 45 -4.50 -12.27 -9.97
CA GLU B 45 -5.68 -11.58 -9.43
C GLU B 45 -5.35 -10.89 -8.13
N THR B 46 -4.55 -11.54 -7.28
CA THR B 46 -4.17 -10.94 -6.01
C THR B 46 -3.33 -9.69 -6.21
N THR B 47 -2.33 -9.75 -7.09
CA THR B 47 -1.47 -8.59 -7.32
C THR B 47 -2.25 -7.44 -7.94
N ALA B 48 -3.10 -7.73 -8.93
CA ALA B 48 -3.91 -6.68 -9.53
C ALA B 48 -4.81 -6.02 -8.50
N ALA B 49 -5.46 -6.82 -7.66
CA ALA B 49 -6.31 -6.27 -6.61
C ALA B 49 -5.51 -5.40 -5.64
N ASN B 50 -4.33 -5.88 -5.22
CA ASN B 50 -3.50 -5.11 -4.31
C ASN B 50 -3.12 -3.76 -4.91
N SER B 51 -2.67 -3.77 -6.16
CA SER B 51 -2.22 -2.54 -6.80
C SER B 51 -3.38 -1.56 -6.97
N LEU B 52 -4.55 -2.07 -7.36
CA LEU B 52 -5.72 -1.22 -7.47
C LEU B 52 -6.08 -0.62 -6.11
N ALA B 53 -5.93 -1.40 -5.03
CA ALA B 53 -6.21 -0.87 -3.70
C ALA B 53 -5.23 0.24 -3.33
N ILE B 54 -3.97 0.09 -3.70
CA ILE B 54 -2.97 1.13 -3.39
C ILE B 54 -3.32 2.44 -4.10
N MET B 55 -3.55 2.36 -5.42
CA MET B 55 -3.90 3.55 -6.18
C MET B 55 -5.22 4.15 -5.68
N ALA B 56 -6.19 3.28 -5.34
CA ALA B 56 -7.47 3.73 -4.84
C ALA B 56 -7.34 4.42 -3.48
N THR B 57 -6.38 3.97 -2.65
CA THR B 57 -6.14 4.65 -1.38
C THR B 57 -5.68 6.07 -1.63
N ARG B 58 -4.78 6.25 -2.60
CA ARG B 58 -4.36 7.62 -2.90
C ARG B 58 -5.51 8.44 -3.46
N LEU B 59 -6.33 7.83 -4.32
CA LEU B 59 -7.49 8.53 -4.86
C LEU B 59 -8.47 8.92 -3.77
N LEU B 60 -8.63 8.07 -2.76
CA LEU B 60 -9.54 8.39 -1.66
C LEU B 60 -9.03 9.57 -0.85
N GLU B 61 -7.71 9.63 -0.64
CA GLU B 61 -7.12 10.79 0.03
C GLU B 61 -7.42 12.09 -0.75
N ARG B 62 -7.18 12.06 -2.07
CA ARG B 62 -7.45 13.25 -2.89
C ARG B 62 -8.93 13.62 -2.89
N ALA B 63 -9.80 12.62 -3.05
CA ALA B 63 -11.24 12.86 -3.08
C ALA B 63 -11.73 13.47 -1.79
N ARG B 64 -11.12 13.09 -0.68
CA ARG B 64 -11.49 13.65 0.62
C ARG B 64 -11.00 15.10 0.79
N GLU B 65 -9.80 15.40 0.34
CA GLU B 65 -9.31 16.75 0.40
C GLU B 65 -10.28 17.69 -0.37
N LYS B 66 -10.75 17.27 -1.52
CA LYS B 66 -11.69 18.05 -2.30
C LYS B 66 -13.05 18.22 -1.64
N ALA B 67 -13.46 17.30 -0.77
CA ALA B 67 -14.73 17.46 -0.07
C ALA B 67 -14.61 18.40 1.14
N GLY C 3 11.92 -13.85 6.25
CA GLY C 3 11.34 -12.74 5.52
C GLY C 3 11.11 -11.50 6.37
N LEU C 4 10.53 -11.69 7.56
CA LEU C 4 10.27 -10.57 8.45
C LEU C 4 11.56 -9.87 8.86
N ASP C 5 12.58 -10.65 9.25
CA ASP C 5 13.86 -10.07 9.63
C ASP C 5 14.49 -9.34 8.45
N THR C 6 14.35 -9.88 7.24
CA THR C 6 14.94 -9.23 6.07
C THR C 6 14.27 -7.89 5.79
N VAL C 7 12.95 -7.86 5.82
CA VAL C 7 12.22 -6.61 5.63
C VAL C 7 12.64 -5.58 6.66
N TYR C 8 12.68 -6.01 7.94
CA TYR C 8 13.06 -5.11 9.02
C TYR C 8 14.48 -4.57 8.82
N GLU C 9 15.42 -5.44 8.48
CA GLU C 9 16.81 -5.02 8.35
C GLU C 9 17.01 -4.08 7.16
N ILE C 10 16.39 -4.38 6.02
CA ILE C 10 16.49 -3.49 4.87
C ILE C 10 15.93 -2.11 5.21
N ALA C 11 14.74 -2.08 5.80
CA ALA C 11 14.12 -0.81 6.14
C ALA C 11 14.96 -0.04 7.15
N ALA C 12 15.50 -0.74 8.15
CA ALA C 12 16.29 -0.07 9.18
C ALA C 12 17.58 0.50 8.59
N LYS C 13 18.23 -0.24 7.68
CA LYS C 13 19.41 0.28 7.01
C LYS C 13 19.08 1.58 6.29
N ARG C 14 18.02 1.57 5.49
CA ARG C 14 17.70 2.77 4.71
C ARG C 14 17.29 3.93 5.61
N LEU C 15 16.47 3.67 6.64
CA LEU C 15 16.01 4.73 7.53
C LEU C 15 17.16 5.32 8.33
N ALA C 16 18.11 4.49 8.75
CA ALA C 16 19.29 5.00 9.44
C ALA C 16 20.14 5.84 8.51
N GLU C 17 20.30 5.40 7.25
CA GLU C 17 21.01 6.21 6.27
C GLU C 17 20.36 7.58 6.11
N LEU C 18 19.02 7.63 6.13
CA LEU C 18 18.32 8.89 5.93
C LEU C 18 18.26 9.76 7.19
N GLY C 19 18.71 9.26 8.33
CA GLY C 19 18.78 10.09 9.54
C GLY C 19 17.49 10.39 10.28
N ASP C 20 16.62 9.41 10.43
CA ASP C 20 15.29 9.51 11.06
C ASP C 20 15.26 8.59 12.29
N GLU C 21 15.63 9.08 13.43
CA GLU C 21 15.66 8.21 14.57
C GLU C 21 14.20 7.82 14.91
N GLU C 22 13.29 8.72 14.67
CA GLU C 22 11.89 8.44 14.97
C GLU C 22 11.26 7.37 14.07
N SER C 23 11.63 7.32 12.79
CA SER C 23 11.13 6.26 11.91
C SER C 23 11.74 4.93 12.32
N LEU C 24 13.00 4.95 12.75
CA LEU C 24 13.65 3.73 13.22
C LEU C 24 12.94 3.16 14.45
N ALA C 25 12.55 4.04 15.38
CA ALA C 25 11.87 3.59 16.60
C ALA C 25 10.49 3.04 16.27
N GLU C 26 9.72 3.73 15.43
CA GLU C 26 8.42 3.21 15.02
C GLU C 26 8.56 1.84 14.34
N LEU C 27 9.52 1.72 13.43
CA LEU C 27 9.76 0.45 12.75
C LEU C 27 10.11 -0.65 13.75
N GLU C 28 10.94 -0.34 14.73
CA GLU C 28 11.31 -1.34 15.73
C GLU C 28 10.09 -1.79 16.52
N GLU C 29 9.23 -0.83 16.91
CA GLU C 29 8.01 -1.18 17.62
C GLU C 29 7.15 -2.15 16.80
N TYR C 30 6.96 -1.83 15.53
CA TYR C 30 6.15 -2.70 14.66
C TYR C 30 6.79 -4.07 14.53
N TYR C 31 8.11 -4.12 14.36
CA TYR C 31 8.79 -5.40 14.21
C TYR C 31 8.61 -6.27 15.45
N LYS C 32 8.78 -5.66 16.63
CA LYS C 32 8.62 -6.41 17.88
C LYS C 32 7.18 -6.91 18.05
N THR C 33 6.20 -6.07 17.73
CA THR C 33 4.80 -6.50 17.80
C THR C 33 4.52 -7.69 16.88
N LYS C 35 6.59 -9.78 15.94
CA LYS C 35 7.23 -10.95 16.51
C LYS C 35 6.44 -11.57 17.65
N LYS C 36 5.77 -10.76 18.47
CA LYS C 36 4.89 -11.36 19.46
C LYS C 36 3.74 -12.10 18.80
N LYS C 37 3.12 -11.47 17.79
CA LYS C 37 2.02 -12.11 17.09
C LYS C 37 2.47 -13.39 16.39
N LEU C 38 3.68 -13.44 15.86
CA LEU C 38 4.20 -14.67 15.23
C LEU C 38 4.40 -15.83 16.25
N LYS C 39 5.05 -15.55 17.38
CA LYS C 39 5.27 -16.55 18.41
C LYS C 39 3.97 -17.02 19.00
N GLU C 40 3.00 -16.15 19.08
CA GLU C 40 1.68 -16.56 19.53
C GLU C 40 0.87 -17.23 18.39
N GLY C 41 1.43 -17.31 17.19
CA GLY C 41 0.79 -18.01 16.11
C GLY C 41 -0.48 -17.40 15.55
N THR C 42 -0.73 -16.12 15.80
CA THR C 42 -1.92 -15.49 15.24
C THR C 42 -1.66 -14.82 13.90
N ILE C 43 -0.45 -14.94 13.36
CA ILE C 43 -0.11 -14.40 12.05
C ILE C 43 1.01 -15.24 11.48
N SER C 44 1.06 -15.34 10.16
CA SER C 44 2.12 -16.07 9.47
C SER C 44 3.30 -15.15 9.19
N GLU C 45 4.46 -15.76 8.97
CA GLU C 45 5.67 -14.98 8.72
C GLU C 45 5.57 -14.17 7.44
N THR C 46 5.00 -14.76 6.38
CA THR C 46 4.88 -14.07 5.11
C THR C 46 3.98 -12.84 5.23
N THR C 47 2.80 -12.99 5.83
CA THR C 47 1.89 -11.86 5.99
C THR C 47 2.50 -10.78 6.88
N ALA C 48 3.14 -11.20 7.97
CA ALA C 48 3.81 -10.25 8.85
C ALA C 48 4.88 -9.46 8.11
N ALA C 49 5.69 -10.16 7.31
CA ALA C 49 6.73 -9.49 6.53
C ALA C 49 6.14 -8.50 5.54
N ASN C 50 5.07 -8.90 4.84
CA ASN C 50 4.42 -8.01 3.89
C ASN C 50 3.90 -6.75 4.60
N SER C 51 3.22 -6.93 5.73
CA SER C 51 2.64 -5.80 6.44
C SER C 51 3.72 -4.87 6.98
N LEU C 52 4.79 -5.46 7.52
CA LEU C 52 5.91 -4.65 7.98
C LEU C 52 6.53 -3.88 6.84
N ALA C 53 6.61 -4.48 5.65
CA ALA C 53 7.15 -3.77 4.49
C ALA C 53 6.26 -2.61 4.09
N ILE C 54 4.94 -2.78 4.19
CA ILE C 54 4.02 -1.68 3.86
C ILE C 54 4.24 -0.50 4.80
N MET C 55 4.25 -0.78 6.10
CA MET C 55 4.48 0.29 7.08
C MET C 55 5.86 0.90 6.90
N ALA C 56 6.87 0.07 6.60
CA ALA C 56 8.21 0.57 6.40
C ALA C 56 8.31 1.46 5.18
N THR C 57 7.53 1.17 4.13
CA THR C 57 7.50 2.05 2.97
C THR C 57 6.97 3.42 3.35
N ARG C 58 5.91 3.46 4.17
CA ARG C 58 5.42 4.78 4.60
C ARG C 58 6.46 5.51 5.45
N LEU C 59 7.14 4.77 6.33
CA LEU C 59 8.19 5.36 7.16
C LEU C 59 9.33 5.91 6.29
N LEU C 60 9.66 5.21 5.21
CA LEU C 60 10.72 5.64 4.31
C LEU C 60 10.33 6.87 3.51
N GLU C 61 9.08 6.93 3.03
CA GLU C 61 8.61 8.13 2.35
C GLU C 61 8.76 9.34 3.26
N ARG C 62 8.32 9.22 4.51
CA ARG C 62 8.50 10.34 5.45
C ARG C 62 9.96 10.65 5.78
N ALA C 63 10.78 9.63 5.91
CA ALA C 63 12.19 9.88 6.14
C ALA C 63 12.77 10.70 5.01
N ARG C 64 12.41 10.37 3.76
CA ARG C 64 12.91 11.14 2.64
C ARG C 64 12.27 12.52 2.59
N GLU C 65 11.06 12.65 3.14
CA GLU C 65 10.45 13.97 3.22
C GLU C 65 11.23 14.88 4.17
N LYS C 66 11.85 14.34 5.23
CA LYS C 66 12.75 15.23 5.98
C LYS C 66 14.10 15.34 5.27
N ALA C 67 14.45 14.33 4.47
CA ALA C 67 15.68 14.32 3.66
C ALA C 67 16.09 15.63 3.00
N HIS C 68 15.14 16.36 2.43
CA HIS C 68 15.41 17.62 1.75
C HIS C 68 14.87 18.82 2.51
N HIS C 69 13.57 18.88 2.76
CA HIS C 69 12.93 20.03 3.38
C HIS C 69 11.63 19.62 4.08
N GLY D 2 5.92 -11.37 -13.71
CA GLY D 2 4.70 -10.86 -14.30
C GLY D 2 4.14 -9.62 -13.62
N GLY D 3 3.85 -9.74 -12.33
CA GLY D 3 3.14 -8.67 -11.64
C GLY D 3 3.97 -7.41 -11.47
N LEU D 4 5.22 -7.57 -11.04
CA LEU D 4 6.09 -6.41 -10.87
C LEU D 4 6.31 -5.69 -12.20
N ASP D 5 6.57 -6.45 -13.27
CA ASP D 5 6.74 -5.83 -14.58
C ASP D 5 5.47 -5.12 -15.02
N THR D 6 4.30 -5.68 -14.72
CA THR D 6 3.05 -5.04 -15.12
C THR D 6 2.83 -3.73 -14.38
N VAL D 7 3.04 -3.74 -13.07
CA VAL D 7 2.93 -2.50 -12.29
C VAL D 7 3.88 -1.44 -12.84
N TYR D 8 5.13 -1.85 -13.08
CA TYR D 8 6.13 -0.93 -13.61
C TYR D 8 5.71 -0.37 -14.97
N GLU D 9 5.21 -1.24 -15.87
CA GLU D 9 4.84 -0.80 -17.21
C GLU D 9 3.67 0.16 -17.17
N ILE D 10 2.65 -0.14 -16.35
CA ILE D 10 1.51 0.76 -16.24
C ILE D 10 1.98 2.13 -15.77
N ALA D 11 2.81 2.15 -14.71
CA ALA D 11 3.29 3.42 -14.17
C ALA D 11 4.14 4.17 -15.19
N ALA D 12 5.03 3.46 -15.91
CA ALA D 12 5.91 4.13 -16.85
C ALA D 12 5.15 4.70 -18.04
N LYS D 13 4.18 3.95 -18.57
CA LYS D 13 3.35 4.45 -19.65
C LYS D 13 2.62 5.72 -19.23
N ARG D 14 2.03 5.72 -18.03
CA ARG D 14 1.29 6.88 -17.55
CA ARG D 14 1.29 6.90 -17.60
C ARG D 14 2.22 8.08 -17.32
N LEU D 15 3.41 7.81 -16.74
CA LEU D 15 4.35 8.89 -16.49
C LEU D 15 4.86 9.49 -17.79
N ALA D 16 5.08 8.67 -18.81
CA ALA D 16 5.48 9.19 -20.11
C ALA D 16 4.36 10.02 -20.73
N GLU D 17 3.12 9.54 -20.64
CA GLU D 17 1.98 10.32 -21.14
C GLU D 17 1.92 11.68 -20.46
N LEU D 18 2.21 11.73 -19.15
CA LEU D 18 2.16 13.00 -18.44
C LEU D 18 3.42 13.84 -18.67
N GLY D 19 4.44 13.28 -19.31
CA GLY D 19 5.64 14.05 -19.62
C GLY D 19 6.53 14.35 -18.43
N ASP D 20 6.71 13.40 -17.53
CA ASP D 20 7.51 13.59 -16.32
C ASP D 20 8.75 12.71 -16.42
N GLU D 21 9.81 13.26 -17.03
CA GLU D 21 11.03 12.49 -17.24
C GLU D 21 11.69 12.11 -15.93
N GLU D 22 11.70 13.04 -14.97
CA GLU D 22 12.37 12.78 -13.70
C GLU D 22 11.66 11.67 -12.91
N SER D 23 10.32 11.67 -12.95
CA SER D 23 9.58 10.58 -12.32
C SER D 23 9.83 9.26 -13.04
N LEU D 24 9.96 9.30 -14.37
CA LEU D 24 10.26 8.07 -15.11
C LEU D 24 11.61 7.50 -14.69
N ALA D 25 12.62 8.35 -14.56
CA ALA D 25 13.94 7.87 -14.15
C ALA D 25 13.91 7.33 -12.72
N GLU D 26 13.24 8.04 -11.81
CA GLU D 26 13.10 7.55 -10.44
C GLU D 26 12.41 6.18 -10.42
N LEU D 27 11.32 6.06 -11.18
CA LEU D 27 10.60 4.79 -11.26
C LEU D 27 11.49 3.67 -11.78
N GLU D 28 12.31 3.96 -12.79
CA GLU D 28 13.21 2.94 -13.32
C GLU D 28 14.20 2.50 -12.26
N GLU D 29 14.76 3.46 -11.52
CA GLU D 29 15.71 3.12 -10.46
C GLU D 29 15.08 2.21 -9.42
N TYR D 30 13.90 2.58 -8.93
CA TYR D 30 13.23 1.77 -7.92
C TYR D 30 12.88 0.38 -8.45
N TYR D 31 12.41 0.31 -9.69
CA TYR D 31 12.09 -0.98 -10.30
C TYR D 31 13.32 -1.87 -10.40
N LYS D 32 14.45 -1.32 -10.85
CA LYS D 32 15.67 -2.11 -10.95
C LYS D 32 16.12 -2.62 -9.58
N THR D 33 16.06 -1.75 -8.57
CA THR D 33 16.42 -2.16 -7.22
C THR D 33 15.56 -3.30 -6.72
N LYS D 35 13.91 -5.39 -8.55
CA LYS D 35 14.16 -6.58 -9.36
C LYS D 35 15.39 -7.32 -8.84
N LYS D 36 16.41 -6.59 -8.38
CA LYS D 36 17.57 -7.22 -7.75
C LYS D 36 17.21 -7.84 -6.39
N LYS D 37 16.52 -7.09 -5.55
CA LYS D 37 16.13 -7.67 -4.27
C LYS D 37 15.30 -8.93 -4.49
N LEU D 38 14.49 -8.94 -5.55
CA LEU D 38 13.65 -10.10 -5.85
C LEU D 38 14.49 -11.23 -6.43
N LYS D 39 15.60 -10.89 -7.04
CA LYS D 39 16.50 -11.89 -7.53
C LYS D 39 17.02 -12.73 -6.40
N GLU D 40 17.46 -12.11 -5.30
CA GLU D 40 18.08 -12.87 -4.22
C GLU D 40 17.10 -13.60 -3.31
N GLY D 41 15.79 -13.45 -3.50
CA GLY D 41 14.89 -14.15 -2.60
C GLY D 41 14.85 -13.56 -1.21
N THR D 42 15.35 -12.33 -1.05
CA THR D 42 15.32 -11.61 0.20
C THR D 42 14.08 -10.74 0.33
N ILE D 43 13.18 -10.84 -0.64
CA ILE D 43 11.94 -10.07 -0.67
C ILE D 43 10.91 -10.90 -1.41
N SER D 44 9.71 -11.01 -0.83
CA SER D 44 8.63 -11.71 -1.51
CA SER D 44 8.63 -11.71 -1.51
C SER D 44 8.14 -10.89 -2.71
N GLU D 45 7.54 -11.58 -3.66
CA GLU D 45 6.98 -10.89 -4.82
C GLU D 45 5.93 -9.86 -4.39
N THR D 46 5.16 -10.21 -3.35
CA THR D 46 4.15 -9.28 -2.83
C THR D 46 4.78 -8.00 -2.33
N THR D 47 5.88 -8.11 -1.57
CA THR D 47 6.54 -6.92 -1.05
C THR D 47 7.07 -6.03 -2.18
N ALA D 48 7.68 -6.64 -3.19
CA ALA D 48 8.20 -5.88 -4.32
C ALA D 48 7.07 -5.15 -5.03
N ALA D 49 5.97 -5.87 -5.34
CA ALA D 49 4.85 -5.23 -6.01
C ALA D 49 4.24 -4.11 -5.17
N ASN D 50 4.07 -4.36 -3.87
CA ASN D 50 3.50 -3.34 -2.99
C ASN D 50 4.34 -2.07 -2.98
N SER D 51 5.65 -2.21 -2.77
CA SER D 51 6.51 -1.04 -2.65
C SER D 51 6.60 -0.28 -3.96
N LEU D 52 6.74 -1.01 -5.08
CA LEU D 52 6.79 -0.35 -6.37
C LEU D 52 5.48 0.38 -6.66
N ALA D 53 4.35 -0.24 -6.30
CA ALA D 53 3.07 0.40 -6.54
C ALA D 53 2.90 1.65 -5.66
N ILE D 54 3.38 1.62 -4.43
CA ILE D 54 3.22 2.78 -3.55
C ILE D 54 4.01 3.98 -4.08
N MET D 55 5.30 3.82 -4.33
CA MET D 55 5.98 5.00 -4.88
C MET D 55 5.54 5.35 -6.29
N ALA D 56 5.19 4.36 -7.11
CA ALA D 56 4.67 4.72 -8.42
C ALA D 56 3.38 5.53 -8.28
N THR D 57 2.59 5.23 -7.25
CA THR D 57 1.37 5.98 -6.98
C THR D 57 1.67 7.43 -6.64
N ARG D 58 2.62 7.67 -5.73
CA ARG D 58 2.89 9.08 -5.43
C ARG D 58 3.57 9.78 -6.60
N LEU D 59 4.45 9.08 -7.33
CA LEU D 59 5.06 9.69 -8.51
C LEU D 59 3.99 10.06 -9.54
N LEU D 60 2.96 9.23 -9.69
CA LEU D 60 1.88 9.53 -10.63
C LEU D 60 1.06 10.71 -10.13
N GLU D 61 0.83 10.80 -8.82
CA GLU D 61 0.19 11.99 -8.26
C GLU D 61 0.99 13.24 -8.58
N ARG D 62 2.32 13.17 -8.41
CA ARG D 62 3.17 14.31 -8.75
C ARG D 62 3.05 14.66 -10.23
N ALA D 63 3.00 13.64 -11.08
CA ALA D 63 2.84 13.89 -12.52
C ALA D 63 1.53 14.61 -12.83
N ARG D 64 0.42 14.26 -12.18
CA ARG D 64 -0.84 14.91 -12.51
C ARG D 64 -0.91 16.37 -12.06
N GLU D 65 -0.11 16.70 -11.07
CA GLU D 65 -0.07 18.05 -10.58
C GLU D 65 0.82 18.92 -11.41
N LYS D 66 2.06 18.52 -11.60
CA LYS D 66 3.00 19.31 -12.35
C LYS D 66 2.60 19.45 -13.80
N ALA D 67 1.54 18.77 -14.17
CA ALA D 67 1.07 18.92 -15.52
C ALA D 67 -0.15 19.81 -15.49
#